data_2F8A
#
_entry.id   2F8A
#
_cell.length_a   127.592
_cell.length_b   59.376
_cell.length_c   81.132
_cell.angle_alpha   90.00
_cell.angle_beta   119.41
_cell.angle_gamma   90.00
#
_symmetry.space_group_name_H-M   'C 1 2 1'
#
loop_
_entity.id
_entity.type
_entity.pdbx_description
1 polymer 'Glutathione peroxidase 1'
2 non-polymer 'MALONIC ACID'
3 water water
#
_entity_poly.entity_id   1
_entity_poly.type   'polypeptide(L)'
_entity_poly.pdbx_seq_one_letter_code
;MHHHHHHSSGVDLGTENLYFQSMQSVYAFSARPLAGGEPVSLGSLRGKVLLIENVASLGGTTVRDYTQMNELQRRLGPRG
LVVLGFPCNQFGHQENAKNEEILNSLKYVRPGGGFEPNFMLFEKCEVNGAGAHPLFAFLREALPAPSDDATALMTDPKLI
TWSPVCRNDVAWNFEKFLVGPDGVPLRRYSRRFQTIDIEPDIEALLSQ
;
_entity_poly.pdbx_strand_id   A,B
#
loop_
_chem_comp.id
_chem_comp.type
_chem_comp.name
_chem_comp.formula
MLA non-polymer 'MALONIC ACID' 'C3 H4 O4'
#
# COMPACT_ATOMS: atom_id res chain seq x y z
N SER A 22 -37.66 -15.35 -0.70
CA SER A 22 -36.85 -14.80 0.44
C SER A 22 -35.35 -14.70 0.17
N MET A 23 -34.88 -15.32 -0.91
CA MET A 23 -33.47 -15.18 -1.28
C MET A 23 -33.32 -14.01 -2.25
N GLN A 24 -32.46 -13.05 -1.88
CA GLN A 24 -32.13 -11.98 -2.80
C GLN A 24 -31.25 -12.46 -3.95
N SER A 25 -31.15 -11.63 -5.00
CA SER A 25 -30.18 -11.74 -6.06
C SER A 25 -29.21 -10.55 -5.98
N VAL A 26 -28.15 -10.56 -6.82
CA VAL A 26 -27.23 -9.44 -6.79
C VAL A 26 -27.89 -8.13 -7.22
N TYR A 27 -29.05 -8.23 -7.86
CA TYR A 27 -29.71 -7.03 -8.38
C TYR A 27 -30.28 -6.13 -7.29
N ALA A 28 -30.29 -6.62 -6.06
CA ALA A 28 -30.72 -5.82 -4.92
C ALA A 28 -29.73 -4.72 -4.59
N PHE A 29 -28.52 -4.81 -5.14
CA PHE A 29 -27.40 -3.98 -4.68
C PHE A 29 -26.91 -2.98 -5.70
N SER A 30 -26.28 -1.91 -5.20
CA SER A 30 -25.73 -0.85 -6.03
CA SER A 30 -25.75 -0.83 -6.01
C SER A 30 -24.37 -0.44 -5.52
N ALA A 31 -23.59 0.21 -6.38
CA ALA A 31 -22.27 0.70 -5.99
C ALA A 31 -21.90 1.91 -6.83
N ARG A 32 -21.07 2.77 -6.25
CA ARG A 32 -20.67 4.01 -6.90
C ARG A 32 -19.45 3.76 -7.77
N PRO A 33 -19.46 4.24 -9.02
CA PRO A 33 -18.28 4.14 -9.87
C PRO A 33 -17.07 4.80 -9.24
N LEU A 34 -15.88 4.31 -9.57
CA LEU A 34 -14.64 4.83 -9.03
C LEU A 34 -14.50 6.35 -9.14
N ALA A 35 -14.93 6.90 -10.26
CA ALA A 35 -14.85 8.35 -10.50
C ALA A 35 -15.85 9.14 -9.65
N GLY A 36 -16.78 8.43 -9.00
CA GLY A 36 -17.76 9.06 -8.13
C GLY A 36 -19.10 9.27 -8.82
N GLY A 37 -20.02 9.91 -8.12
CA GLY A 37 -21.33 10.20 -8.71
C GLY A 37 -22.39 9.18 -8.34
N GLU A 38 -23.36 9.00 -9.23
CA GLU A 38 -24.58 8.27 -8.91
C GLU A 38 -24.33 6.75 -8.85
N PRO A 39 -24.78 6.10 -7.77
CA PRO A 39 -24.75 4.64 -7.71
C PRO A 39 -25.34 3.97 -8.94
N VAL A 40 -24.67 2.92 -9.40
CA VAL A 40 -25.14 2.05 -10.44
C VAL A 40 -25.77 0.84 -9.77
N SER A 41 -27.03 0.58 -10.07
CA SER A 41 -27.68 -0.63 -9.58
C SER A 41 -27.30 -1.78 -10.47
N LEU A 42 -26.98 -2.91 -9.88
CA LEU A 42 -26.62 -4.07 -10.68
CA LEU A 42 -26.62 -4.08 -10.67
C LEU A 42 -27.84 -4.62 -11.43
N GLY A 43 -29.05 -4.20 -11.03
CA GLY A 43 -30.27 -4.62 -11.71
C GLY A 43 -30.33 -4.23 -13.16
N SER A 44 -29.55 -3.25 -13.54
CA SER A 44 -29.45 -2.85 -14.94
C SER A 44 -28.69 -3.89 -15.81
N LEU A 45 -28.08 -4.88 -15.17
CA LEU A 45 -27.25 -5.88 -15.85
C LEU A 45 -27.97 -7.21 -16.07
N ARG A 46 -29.31 -7.22 -15.93
CA ARG A 46 -30.02 -8.48 -16.14
C ARG A 46 -29.72 -9.01 -17.53
N GLY A 47 -29.49 -10.32 -17.64
CA GLY A 47 -29.18 -10.92 -18.93
C GLY A 47 -27.69 -11.12 -19.13
N LYS A 48 -26.89 -10.41 -18.36
CA LYS A 48 -25.43 -10.51 -18.46
C LYS A 48 -24.88 -11.52 -17.46
N VAL A 49 -23.78 -12.18 -17.82
CA VAL A 49 -23.03 -12.98 -16.87
C VAL A 49 -22.03 -12.03 -16.22
N LEU A 50 -21.91 -12.08 -14.89
CA LEU A 50 -21.05 -11.16 -14.18
C LEU A 50 -19.89 -11.91 -13.57
N LEU A 51 -18.70 -11.35 -13.69
CA LEU A 51 -17.53 -11.81 -12.95
C LEU A 51 -17.15 -10.66 -12.04
N ILE A 52 -17.30 -10.89 -10.74
CA ILE A 52 -17.04 -9.87 -9.73
C ILE A 52 -15.76 -10.24 -8.98
N GLU A 53 -14.83 -9.29 -8.86
CA GLU A 53 -13.60 -9.50 -8.10
C GLU A 53 -13.38 -8.34 -7.16
N ASN A 54 -12.87 -8.63 -5.97
CA ASN A 54 -12.28 -7.60 -5.13
C ASN A 54 -10.87 -7.43 -5.61
N VAL A 55 -10.46 -6.18 -5.84
CA VAL A 55 -9.17 -5.91 -6.47
C VAL A 55 -8.25 -5.08 -5.57
N ALA A 56 -6.98 -5.01 -5.96
CA ALA A 56 -5.99 -4.18 -5.27
C ALA A 56 -4.92 -3.83 -6.25
N SER A 57 -4.25 -2.70 -6.03
CA SER A 57 -3.28 -2.19 -7.01
CA SER A 57 -3.28 -2.17 -6.99
C SER A 57 -1.84 -2.62 -6.73
N LEU A 58 -1.54 -3.07 -5.48
CA LEU A 58 -0.17 -3.48 -5.14
C LEU A 58 -0.18 -4.84 -4.46
N GLY A 59 -0.83 -5.77 -5.16
CA GLY A 59 -0.90 -7.16 -4.75
C GLY A 59 -0.06 -8.06 -5.63
N GLY A 60 0.26 -9.23 -5.09
CA GLY A 60 1.03 -10.21 -5.81
C GLY A 60 0.38 -10.72 -7.09
N THR A 61 -0.95 -10.64 -7.18
CA THR A 61 -1.63 -11.02 -8.41
C THR A 61 -2.29 -9.84 -9.15
N THR A 62 -1.95 -8.61 -8.77
CA THR A 62 -2.49 -7.44 -9.47
C THR A 62 -2.27 -7.53 -10.98
N VAL A 63 -1.04 -7.81 -11.39
CA VAL A 63 -0.78 -7.82 -12.85
C VAL A 63 -1.55 -8.95 -13.53
N ARG A 64 -1.42 -10.16 -12.98
CA ARG A 64 -2.06 -11.32 -13.57
C ARG A 64 -3.58 -11.15 -13.65
N ASP A 65 -4.22 -10.75 -12.55
CA ASP A 65 -5.67 -10.64 -12.58
C ASP A 65 -6.18 -9.46 -13.40
N TYR A 66 -5.53 -8.31 -13.33
CA TYR A 66 -6.01 -7.19 -14.14
C TYR A 66 -5.85 -7.49 -15.64
N THR A 67 -4.71 -8.10 -16.01
CA THR A 67 -4.50 -8.41 -17.42
C THR A 67 -5.52 -9.44 -17.90
N GLN A 68 -5.79 -10.45 -17.07
CA GLN A 68 -6.73 -11.50 -17.41
C GLN A 68 -8.19 -11.00 -17.42
N MET A 69 -8.52 -10.11 -16.49
CA MET A 69 -9.85 -9.51 -16.51
C MET A 69 -10.07 -8.69 -17.78
N ASN A 70 -9.06 -7.92 -18.17
CA ASN A 70 -9.15 -7.16 -19.42
C ASN A 70 -9.35 -8.11 -20.62
N GLU A 71 -8.63 -9.23 -20.63
CA GLU A 71 -8.72 -10.19 -21.72
CA GLU A 71 -8.73 -10.17 -21.74
C GLU A 71 -10.12 -10.78 -21.80
N LEU A 72 -10.66 -11.20 -20.67
CA LEU A 72 -12.01 -11.77 -20.69
C LEU A 72 -13.05 -10.73 -21.11
N GLN A 73 -12.91 -9.52 -20.60
CA GLN A 73 -13.89 -8.49 -20.90
C GLN A 73 -13.87 -8.20 -22.40
N ARG A 74 -12.67 -8.15 -22.99
CA ARG A 74 -12.52 -7.83 -24.41
C ARG A 74 -13.10 -8.93 -25.29
N ARG A 75 -12.80 -10.16 -24.95
CA ARG A 75 -13.18 -11.28 -25.79
C ARG A 75 -14.62 -11.72 -25.59
N LEU A 76 -15.08 -11.73 -24.35
CA LEU A 76 -16.42 -12.25 -24.03
C LEU A 76 -17.47 -11.17 -23.75
N GLY A 77 -17.05 -9.92 -23.64
CA GLY A 77 -18.00 -8.82 -23.50
C GLY A 77 -19.08 -8.77 -24.55
N PRO A 78 -18.71 -8.86 -25.83
CA PRO A 78 -19.73 -8.82 -26.88
C PRO A 78 -20.74 -9.96 -26.80
N ARG A 79 -20.41 -11.03 -26.10
CA ARG A 79 -21.32 -12.15 -25.92
C ARG A 79 -22.09 -12.17 -24.59
N GLY A 80 -21.87 -11.16 -23.75
CA GLY A 80 -22.68 -11.00 -22.54
C GLY A 80 -21.95 -10.99 -21.21
N LEU A 81 -20.63 -11.04 -21.21
CA LEU A 81 -19.85 -10.97 -19.97
C LEU A 81 -19.65 -9.52 -19.55
N VAL A 82 -19.87 -9.25 -18.26
CA VAL A 82 -19.51 -7.98 -17.65
C VAL A 82 -18.61 -8.27 -16.47
N VAL A 83 -17.40 -7.71 -16.50
CA VAL A 83 -16.45 -7.84 -15.38
C VAL A 83 -16.59 -6.58 -14.49
N LEU A 84 -16.64 -6.80 -13.17
CA LEU A 84 -16.84 -5.73 -12.20
C LEU A 84 -15.77 -5.85 -11.12
N GLY A 85 -15.01 -4.79 -10.90
CA GLY A 85 -13.94 -4.78 -9.92
C GLY A 85 -14.21 -3.84 -8.76
N PHE A 86 -13.97 -4.34 -7.54
CA PHE A 86 -14.23 -3.62 -6.32
C PHE A 86 -12.93 -3.46 -5.55
N PRO A 87 -12.27 -2.30 -5.63
CA PRO A 87 -11.05 -2.06 -4.85
C PRO A 87 -11.32 -2.24 -3.36
N CYS A 88 -10.37 -2.86 -2.66
CA CYS A 88 -10.52 -3.12 -1.24
C CYS A 88 -9.14 -3.12 -0.58
N ASN A 89 -9.05 -2.45 0.57
CA ASN A 89 -7.79 -2.29 1.28
C ASN A 89 -7.68 -3.17 2.52
N GLN A 90 -8.44 -4.27 2.58
CA GLN A 90 -8.43 -5.09 3.78
C GLN A 90 -7.37 -6.18 3.82
N PHE A 91 -6.56 -6.34 2.77
CA PHE A 91 -5.66 -7.48 2.62
C PHE A 91 -4.22 -6.99 2.45
N GLY A 92 -3.52 -6.87 3.57
CA GLY A 92 -2.15 -6.35 3.52
C GLY A 92 -2.10 -4.89 3.16
N HIS A 93 -3.23 -4.17 3.34
CA HIS A 93 -3.38 -2.77 2.90
C HIS A 93 -2.85 -2.59 1.47
N GLN A 94 -3.29 -3.44 0.55
CA GLN A 94 -2.75 -3.43 -0.81
C GLN A 94 -3.53 -2.53 -1.77
N GLU A 95 -4.46 -1.76 -1.20
CA GLU A 95 -5.19 -0.69 -1.93
C GLU A 95 -5.17 0.56 -1.09
N ASN A 96 -3.98 1.08 -0.78
CA ASN A 96 -3.85 2.28 0.06
C ASN A 96 -4.15 3.58 -0.68
N ALA A 97 -4.02 3.55 -2.00
CA ALA A 97 -4.29 4.76 -2.80
C ALA A 97 -5.75 5.18 -2.68
N LYS A 98 -5.99 6.47 -2.81
CA LYS A 98 -7.35 7.02 -2.81
C LYS A 98 -8.02 6.63 -4.13
N ASN A 99 -9.36 6.71 -4.14
CA ASN A 99 -10.12 6.43 -5.36
C ASN A 99 -9.56 7.19 -6.54
N GLU A 100 -9.24 8.46 -6.30
CA GLU A 100 -8.73 9.33 -7.38
C GLU A 100 -7.30 9.07 -7.85
N GLU A 101 -6.62 8.17 -7.15
CA GLU A 101 -5.23 7.76 -7.43
C GLU A 101 -5.12 6.39 -8.09
N ILE A 102 -6.16 5.57 -7.99
CA ILE A 102 -6.04 4.16 -8.40
C ILE A 102 -5.73 3.98 -9.88
N LEU A 103 -6.42 4.69 -10.77
CA LEU A 103 -6.15 4.53 -12.19
C LEU A 103 -4.72 4.94 -12.53
N ASN A 104 -4.22 6.00 -11.88
CA ASN A 104 -2.83 6.40 -12.11
C ASN A 104 -1.86 5.30 -11.64
N SER A 105 -2.17 4.66 -10.52
CA SER A 105 -1.28 3.61 -10.04
C SER A 105 -1.24 2.47 -11.05
N LEU A 106 -2.41 2.08 -11.58
CA LEU A 106 -2.45 0.98 -12.54
C LEU A 106 -1.71 1.36 -13.82
N LYS A 107 -1.84 2.62 -14.25
CA LYS A 107 -1.28 3.07 -15.53
C LYS A 107 0.24 3.26 -15.49
N TYR A 108 0.73 3.77 -14.37
CA TYR A 108 2.12 4.21 -14.28
C TYR A 108 2.99 3.42 -13.32
N VAL A 109 2.39 2.63 -12.43
CA VAL A 109 3.16 1.87 -11.43
C VAL A 109 3.08 0.36 -11.67
N ARG A 110 1.91 -0.21 -11.46
CA ARG A 110 1.69 -1.66 -11.59
C ARG A 110 0.24 -1.88 -12.03
N PRO A 111 0.01 -2.53 -13.19
CA PRO A 111 0.99 -3.07 -14.15
C PRO A 111 1.92 -2.04 -14.74
N GLY A 112 1.50 -0.78 -14.74
CA GLY A 112 2.28 0.25 -15.39
C GLY A 112 2.28 0.12 -16.90
N GLY A 113 3.20 0.83 -17.53
CA GLY A 113 3.35 0.72 -18.98
C GLY A 113 2.15 1.22 -19.76
N GLY A 114 1.30 2.03 -19.15
CA GLY A 114 0.13 2.59 -19.83
C GLY A 114 -1.14 1.80 -19.63
N PHE A 115 -1.09 0.78 -18.77
CA PHE A 115 -2.26 -0.10 -18.57
C PHE A 115 -3.51 0.65 -18.11
N GLU A 116 -4.64 0.33 -18.74
CA GLU A 116 -5.94 0.86 -18.35
C GLU A 116 -6.93 -0.30 -18.28
N PRO A 117 -7.69 -0.39 -17.18
CA PRO A 117 -8.76 -1.38 -17.15
C PRO A 117 -9.79 -1.10 -18.23
N ASN A 118 -10.35 -2.14 -18.83
CA ASN A 118 -11.40 -1.97 -19.82
C ASN A 118 -12.77 -2.36 -19.28
N PHE A 119 -12.86 -2.49 -17.96
CA PHE A 119 -14.08 -2.90 -17.28
C PHE A 119 -14.36 -1.92 -16.14
N MET A 120 -15.55 -2.03 -15.58
CA MET A 120 -15.98 -1.12 -14.57
C MET A 120 -15.30 -1.36 -13.22
N LEU A 121 -14.74 -0.29 -12.65
CA LEU A 121 -14.28 -0.26 -11.28
C LEU A 121 -15.18 0.63 -10.45
N PHE A 122 -15.41 0.19 -9.23
CA PHE A 122 -16.19 0.94 -8.27
C PHE A 122 -15.30 1.60 -7.20
N GLU A 123 -15.90 2.46 -6.38
CA GLU A 123 -15.20 3.08 -5.26
C GLU A 123 -14.72 2.00 -4.30
N LYS A 124 -13.63 2.29 -3.60
CA LYS A 124 -13.08 1.41 -2.58
CA LYS A 124 -13.08 1.40 -2.60
C LYS A 124 -14.14 1.07 -1.55
N CYS A 125 -14.18 -0.18 -1.13
CA CYS A 125 -15.09 -0.61 -0.10
C CYS A 125 -14.47 -1.72 0.72
N GLU A 126 -15.19 -2.14 1.76
CA GLU A 126 -14.83 -3.30 2.53
C GLU A 126 -15.67 -4.48 2.07
N VAL A 127 -15.04 -5.67 2.10
CA VAL A 127 -15.74 -6.90 1.75
C VAL A 127 -16.06 -7.80 2.96
N ASN A 128 -15.33 -7.61 4.07
CA ASN A 128 -15.44 -8.42 5.27
C ASN A 128 -15.78 -7.49 6.45
N GLY A 129 -16.35 -8.04 7.49
CA GLY A 129 -16.62 -7.29 8.70
C GLY A 129 -17.92 -6.49 8.67
N ALA A 130 -18.19 -5.80 9.77
CA ALA A 130 -19.47 -5.11 9.92
C ALA A 130 -19.65 -3.99 8.92
N GLY A 131 -18.54 -3.48 8.40
CA GLY A 131 -18.56 -2.39 7.41
C GLY A 131 -18.62 -2.84 5.96
N ALA A 132 -18.75 -4.15 5.75
CA ALA A 132 -18.73 -4.70 4.40
C ALA A 132 -19.82 -4.10 3.54
N HIS A 133 -19.51 -3.84 2.29
CA HIS A 133 -20.52 -3.46 1.32
C HIS A 133 -21.58 -4.56 1.26
N PRO A 134 -22.86 -4.23 1.26
CA PRO A 134 -23.89 -5.27 1.27
C PRO A 134 -23.82 -6.32 0.16
N LEU A 135 -23.28 -5.95 -0.99
CA LEU A 135 -23.12 -6.91 -2.08
C LEU A 135 -22.19 -8.04 -1.66
N PHE A 136 -21.12 -7.70 -0.93
CA PHE A 136 -20.18 -8.73 -0.51
C PHE A 136 -20.66 -9.52 0.69
N ALA A 137 -21.39 -8.87 1.59
CA ALA A 137 -22.01 -9.63 2.68
C ALA A 137 -22.96 -10.70 2.07
N PHE A 138 -23.67 -10.30 1.01
CA PHE A 138 -24.59 -11.21 0.31
C PHE A 138 -23.86 -12.34 -0.42
N LEU A 139 -22.84 -11.99 -1.20
CA LEU A 139 -22.11 -12.98 -1.96
C LEU A 139 -21.47 -13.99 -1.03
N ARG A 140 -20.88 -13.52 0.07
CA ARG A 140 -20.25 -14.41 1.03
C ARG A 140 -21.21 -15.43 1.65
N GLU A 141 -22.40 -14.98 1.99
CA GLU A 141 -23.44 -15.87 2.53
C GLU A 141 -23.97 -16.84 1.47
N ALA A 142 -24.08 -16.36 0.23
CA ALA A 142 -24.62 -17.20 -0.87
C ALA A 142 -23.66 -18.31 -1.24
N LEU A 143 -22.36 -18.01 -1.24
CA LEU A 143 -21.32 -18.91 -1.66
C LEU A 143 -20.26 -18.92 -0.57
N PRO A 144 -20.47 -19.71 0.50
CA PRO A 144 -19.71 -19.49 1.72
C PRO A 144 -18.25 -19.91 1.71
N ALA A 145 -17.79 -20.60 0.66
CA ALA A 145 -16.38 -20.91 0.55
C ALA A 145 -16.03 -21.11 -0.93
N PRO A 146 -14.80 -20.72 -1.31
CA PRO A 146 -14.39 -20.94 -2.69
C PRO A 146 -14.53 -22.38 -3.10
N SER A 147 -14.98 -22.60 -4.34
CA SER A 147 -15.21 -23.90 -4.88
C SER A 147 -13.95 -24.73 -4.96
N ASP A 148 -12.81 -24.07 -5.13
CA ASP A 148 -11.50 -24.74 -5.28
C ASP A 148 -10.70 -24.91 -4.01
N ASP A 149 -11.07 -24.20 -2.96
CA ASP A 149 -10.36 -24.25 -1.66
C ASP A 149 -11.35 -23.85 -0.57
N ALA A 150 -11.96 -24.86 0.00
CA ALA A 150 -12.98 -24.69 1.02
C ALA A 150 -12.40 -24.39 2.38
N THR A 151 -11.07 -24.46 2.55
CA THR A 151 -10.45 -24.51 3.88
CA THR A 151 -10.46 -24.52 3.89
CA THR A 151 -10.51 -24.48 3.90
C THR A 151 -9.62 -23.28 4.25
N ALA A 152 -8.76 -22.81 3.34
CA ALA A 152 -7.81 -21.77 3.72
C ALA A 152 -8.46 -20.42 3.91
N LEU A 153 -8.10 -19.73 5.01
CA LEU A 153 -8.58 -18.37 5.23
C LEU A 153 -7.42 -17.37 5.29
N MET A 154 -6.40 -17.62 6.10
CA MET A 154 -5.23 -16.70 6.20
C MET A 154 -4.08 -17.46 6.80
N THR A 155 -2.88 -17.36 6.23
CA THR A 155 -1.74 -18.03 6.85
C THR A 155 -1.25 -17.29 8.10
N ASP A 156 -1.06 -15.98 7.93
CA ASP A 156 -0.60 -15.11 9.03
C ASP A 156 -1.80 -14.46 9.73
N PRO A 157 -2.11 -14.87 10.99
CA PRO A 157 -3.31 -14.35 11.63
C PRO A 157 -3.27 -12.84 11.84
N LYS A 158 -2.07 -12.25 11.84
CA LYS A 158 -1.98 -10.80 12.03
C LYS A 158 -2.58 -10.04 10.87
N LEU A 159 -2.80 -10.71 9.75
CA LEU A 159 -3.43 -10.07 8.59
C LEU A 159 -4.94 -10.10 8.66
N ILE A 160 -5.52 -10.78 9.64
CA ILE A 160 -6.99 -10.69 9.86
C ILE A 160 -7.25 -9.54 10.82
N THR A 161 -7.66 -8.40 10.29
CA THR A 161 -7.79 -7.18 11.07
C THR A 161 -9.19 -6.55 11.06
N TRP A 162 -10.14 -7.22 10.42
CA TRP A 162 -11.52 -6.72 10.36
C TRP A 162 -12.33 -7.39 11.43
N SER A 163 -13.56 -6.90 11.63
CA SER A 163 -14.43 -7.40 12.69
CA SER A 163 -14.43 -7.39 12.71
C SER A 163 -15.89 -7.24 12.34
N PRO A 164 -16.70 -8.26 12.61
CA PRO A 164 -16.34 -9.60 13.09
C PRO A 164 -15.74 -10.41 11.98
N VAL A 165 -15.12 -11.53 12.37
CA VAL A 165 -14.55 -12.49 11.44
C VAL A 165 -15.52 -13.66 11.27
N CYS A 166 -15.75 -14.03 10.02
CA CYS A 166 -16.69 -15.08 9.65
C CYS A 166 -16.04 -16.15 8.81
N ARG A 167 -16.60 -17.34 8.88
CA ARG A 167 -16.06 -18.46 8.15
C ARG A 167 -16.09 -18.24 6.64
N ASN A 168 -16.97 -17.36 6.17
CA ASN A 168 -17.19 -17.11 4.75
C ASN A 168 -16.43 -15.90 4.24
N ASP A 169 -15.54 -15.35 5.06
CA ASP A 169 -14.82 -14.15 4.69
C ASP A 169 -13.95 -14.30 3.45
N VAL A 170 -13.80 -13.23 2.70
CA VAL A 170 -12.89 -13.18 1.58
C VAL A 170 -11.47 -13.27 2.18
N ALA A 171 -10.61 -14.12 1.62
CA ALA A 171 -9.34 -14.45 2.23
C ALA A 171 -8.21 -13.53 1.82
N TRP A 172 -8.31 -12.93 0.64
CA TRP A 172 -7.23 -12.10 0.12
C TRP A 172 -7.76 -11.28 -1.06
N ASN A 173 -6.89 -10.47 -1.65
CA ASN A 173 -7.21 -9.78 -2.88
C ASN A 173 -7.57 -10.78 -3.98
N PHE A 174 -8.49 -10.40 -4.84
CA PHE A 174 -8.81 -11.17 -6.03
C PHE A 174 -9.42 -12.55 -5.74
N GLU A 175 -10.39 -12.62 -4.84
CA GLU A 175 -11.36 -13.69 -4.96
C GLU A 175 -12.31 -13.32 -6.10
N LYS A 176 -13.02 -14.32 -6.60
CA LYS A 176 -13.89 -14.15 -7.77
C LYS A 176 -15.25 -14.78 -7.52
N PHE A 177 -16.30 -14.06 -7.93
CA PHE A 177 -17.66 -14.53 -7.86
C PHE A 177 -18.29 -14.47 -9.25
N LEU A 178 -18.78 -15.61 -9.72
CA LEU A 178 -19.43 -15.75 -11.02
C LEU A 178 -20.93 -15.75 -10.76
N VAL A 179 -21.63 -14.85 -11.44
CA VAL A 179 -23.06 -14.63 -11.24
C VAL A 179 -23.77 -14.86 -12.57
N GLY A 180 -24.87 -15.60 -12.52
CA GLY A 180 -25.64 -15.88 -13.74
C GLY A 180 -26.46 -14.70 -14.23
N PRO A 181 -27.08 -14.86 -15.43
CA PRO A 181 -27.84 -13.81 -16.08
C PRO A 181 -29.18 -13.49 -15.43
N ASP A 182 -29.54 -14.24 -14.39
CA ASP A 182 -30.68 -13.98 -13.50
C ASP A 182 -30.28 -13.36 -12.14
N GLY A 183 -29.01 -13.06 -11.97
CA GLY A 183 -28.52 -12.44 -10.74
C GLY A 183 -28.18 -13.39 -9.61
N VAL A 184 -28.31 -14.70 -9.85
CA VAL A 184 -28.01 -15.71 -8.84
C VAL A 184 -26.50 -16.00 -8.81
N PRO A 185 -25.86 -15.87 -7.65
CA PRO A 185 -24.45 -16.27 -7.56
C PRO A 185 -24.28 -17.74 -7.80
N LEU A 186 -23.38 -18.11 -8.71
CA LEU A 186 -23.22 -19.50 -9.11
C LEU A 186 -21.96 -20.16 -8.55
N ARG A 187 -20.82 -19.46 -8.50
CA ARG A 187 -19.59 -20.09 -8.09
C ARG A 187 -18.61 -19.06 -7.59
N ARG A 188 -17.85 -19.44 -6.57
CA ARG A 188 -16.83 -18.60 -5.97
C ARG A 188 -15.48 -19.26 -6.22
N TYR A 189 -14.45 -18.47 -6.43
CA TYR A 189 -13.10 -18.99 -6.70
C TYR A 189 -12.12 -18.26 -5.81
N SER A 190 -11.10 -18.99 -5.39
CA SER A 190 -10.15 -18.47 -4.42
C SER A 190 -9.17 -17.50 -5.01
N ARG A 191 -8.45 -16.85 -4.11
CA ARG A 191 -7.37 -15.95 -4.48
C ARG A 191 -6.31 -16.55 -5.41
N ARG A 192 -6.17 -17.87 -5.37
CA ARG A 192 -5.14 -18.56 -6.16
CA ARG A 192 -5.16 -18.61 -6.15
C ARG A 192 -5.64 -19.03 -7.52
N PHE A 193 -6.95 -19.09 -7.68
CA PHE A 193 -7.57 -19.62 -8.91
C PHE A 193 -7.55 -18.51 -9.97
N GLN A 194 -6.78 -18.68 -11.03
CA GLN A 194 -6.57 -17.60 -12.00
C GLN A 194 -7.88 -17.17 -12.62
N THR A 195 -8.05 -15.86 -12.79
CA THR A 195 -9.16 -15.29 -13.53
C THR A 195 -9.37 -16.00 -14.89
N ILE A 196 -8.30 -16.19 -15.64
CA ILE A 196 -8.43 -16.78 -16.98
C ILE A 196 -8.92 -18.22 -16.93
N ASP A 197 -8.70 -18.90 -15.81
CA ASP A 197 -9.18 -20.28 -15.64
C ASP A 197 -10.69 -20.38 -15.33
N ILE A 198 -11.35 -19.24 -15.19
CA ILE A 198 -12.77 -19.21 -15.01
C ILE A 198 -13.49 -19.24 -16.39
N GLU A 199 -12.75 -19.05 -17.48
CA GLU A 199 -13.37 -18.90 -18.81
CA GLU A 199 -13.38 -18.88 -18.79
C GLU A 199 -14.34 -20.04 -19.16
N PRO A 200 -13.94 -21.31 -18.94
CA PRO A 200 -14.90 -22.38 -19.31
C PRO A 200 -16.24 -22.32 -18.59
N ASP A 201 -16.24 -21.95 -17.31
CA ASP A 201 -17.49 -21.79 -16.57
C ASP A 201 -18.32 -20.62 -17.11
N ILE A 202 -17.65 -19.55 -17.50
CA ILE A 202 -18.31 -18.40 -18.09
C ILE A 202 -18.92 -18.77 -19.45
N GLU A 203 -18.13 -19.42 -20.29
CA GLU A 203 -18.60 -19.86 -21.61
C GLU A 203 -19.86 -20.71 -21.50
N ALA A 204 -19.90 -21.60 -20.51
CA ALA A 204 -21.08 -22.47 -20.32
C ALA A 204 -22.35 -21.65 -20.07
N LEU A 205 -22.22 -20.54 -19.37
CA LEU A 205 -23.36 -19.66 -19.06
C LEU A 205 -23.73 -18.78 -20.23
N LEU A 206 -22.72 -18.35 -20.99
CA LEU A 206 -22.97 -17.54 -22.15
C LEU A 206 -23.69 -18.35 -23.22
N SER A 207 -23.34 -19.63 -23.31
CA SER A 207 -23.93 -20.56 -24.25
C SER A 207 -25.35 -20.95 -23.84
N GLN B 24 29.97 5.31 18.27
CA GLN B 24 29.23 6.56 18.61
C GLN B 24 28.61 7.22 17.38
N SER B 25 29.05 6.85 16.18
CA SER B 25 28.60 7.52 14.96
C SER B 25 27.91 6.65 13.93
N VAL B 26 27.20 7.30 13.02
CA VAL B 26 26.50 6.62 11.94
C VAL B 26 27.43 6.18 10.80
N TYR B 27 28.71 6.56 10.86
CA TYR B 27 29.61 6.30 9.74
C TYR B 27 29.97 4.83 9.57
N ALA B 28 29.63 4.00 10.56
CA ALA B 28 29.81 2.54 10.50
C ALA B 28 28.86 1.86 9.53
N PHE B 29 27.82 2.56 9.11
CA PHE B 29 26.72 1.93 8.38
C PHE B 29 26.69 2.30 6.90
N SER B 30 26.09 1.41 6.11
CA SER B 30 25.96 1.61 4.66
C SER B 30 24.57 1.16 4.25
N ALA B 31 24.17 1.63 3.07
CA ALA B 31 22.91 1.20 2.47
C ALA B 31 22.99 1.29 0.97
N ARG B 32 22.17 0.49 0.30
CA ARG B 32 22.17 0.44 -1.15
C ARG B 32 21.19 1.46 -1.70
N PRO B 33 21.59 2.26 -2.69
CA PRO B 33 20.64 3.15 -3.32
C PRO B 33 19.45 2.41 -3.89
N LEU B 34 18.33 3.11 -3.97
CA LEU B 34 17.08 2.55 -4.47
C LEU B 34 17.19 1.86 -5.82
N ALA B 35 18.00 2.44 -6.70
CA ALA B 35 18.23 1.89 -8.04
C ALA B 35 19.11 0.64 -8.04
N GLY B 36 19.73 0.35 -6.91
CA GLY B 36 20.59 -0.81 -6.76
C GLY B 36 22.04 -0.40 -6.93
N GLY B 37 22.92 -1.37 -6.91
CA GLY B 37 24.34 -1.10 -7.10
C GLY B 37 25.08 -1.10 -5.78
N GLU B 38 26.28 -0.52 -5.78
CA GLU B 38 27.14 -0.66 -4.62
C GLU B 38 26.59 0.12 -3.44
N PRO B 39 26.73 -0.44 -2.24
CA PRO B 39 26.35 0.32 -1.07
C PRO B 39 27.08 1.65 -0.96
N VAL B 40 26.37 2.63 -0.41
CA VAL B 40 26.94 3.90 -0.03
C VAL B 40 27.22 3.87 1.47
N SER B 41 28.46 4.10 1.85
CA SER B 41 28.81 4.27 3.24
C SER B 41 28.40 5.64 3.72
N LEU B 42 27.81 5.72 4.91
CA LEU B 42 27.45 7.02 5.47
CA LEU B 42 27.46 7.00 5.50
C LEU B 42 28.72 7.79 5.84
N GLY B 43 29.84 7.08 5.95
CA GLY B 43 31.13 7.73 6.12
C GLY B 43 31.55 8.61 4.96
N SER B 44 30.92 8.44 3.79
CA SER B 44 31.13 9.33 2.64
CA SER B 44 31.16 9.34 2.66
C SER B 44 30.52 10.73 2.88
N LEU B 45 29.74 10.87 3.95
CA LEU B 45 29.02 12.10 4.28
C LEU B 45 29.59 12.78 5.51
N ARG B 46 30.83 12.46 5.86
CA ARG B 46 31.46 13.04 7.04
CA ARG B 46 31.44 13.06 7.06
C ARG B 46 31.51 14.57 6.87
N GLY B 47 31.15 15.30 7.91
CA GLY B 47 31.17 16.76 7.86
C GLY B 47 29.85 17.41 7.49
N LYS B 48 28.92 16.60 6.99
CA LYS B 48 27.59 17.06 6.59
C LYS B 48 26.63 16.86 7.75
N VAL B 49 25.61 17.72 7.81
CA VAL B 49 24.48 17.51 8.72
C VAL B 49 23.54 16.58 7.97
N LEU B 50 23.07 15.51 8.62
CA LEU B 50 22.21 14.53 8.00
C LEU B 50 20.80 14.61 8.58
N LEU B 51 19.82 14.58 7.70
CA LEU B 51 18.43 14.39 8.13
C LEU B 51 17.96 13.08 7.55
N ILE B 52 17.72 12.12 8.42
CA ILE B 52 17.37 10.74 8.04
C ILE B 52 15.90 10.53 8.36
N GLU B 53 15.12 10.05 7.38
CA GLU B 53 13.70 9.72 7.58
C GLU B 53 13.41 8.35 7.02
N ASN B 54 12.57 7.60 7.71
CA ASN B 54 11.91 6.44 7.10
C ASN B 54 10.72 6.99 6.35
N VAL B 55 10.57 6.55 5.11
CA VAL B 55 9.59 7.10 4.19
C VAL B 55 8.62 6.05 3.68
N ALA B 56 7.54 6.52 3.06
CA ALA B 56 6.51 5.65 2.47
C ALA B 56 5.82 6.44 1.38
N SER B 57 5.34 5.73 0.37
CA SER B 57 4.76 6.38 -0.81
C SER B 57 3.25 6.63 -0.70
N LEU B 58 2.54 5.89 0.18
CA LEU B 58 1.10 6.06 0.30
C LEU B 58 0.69 6.26 1.76
N GLY B 59 1.35 7.22 2.40
CA GLY B 59 1.03 7.64 3.75
C GLY B 59 0.35 9.00 3.82
N GLY B 60 -0.26 9.27 4.97
CA GLY B 60 -0.97 10.49 5.18
C GLY B 60 -0.06 11.72 5.14
N THR B 61 1.23 11.54 5.36
CA THR B 61 2.15 12.68 5.28
C THR B 61 3.17 12.53 4.15
N THR B 62 2.94 11.59 3.24
CA THR B 62 3.84 11.44 2.07
C THR B 62 4.06 12.77 1.35
N VAL B 63 2.98 13.47 1.02
CA VAL B 63 3.15 14.69 0.23
C VAL B 63 3.86 15.76 1.06
N ARG B 64 3.39 15.95 2.29
CA ARG B 64 3.97 17.00 3.14
C ARG B 64 5.44 16.74 3.39
N ASP B 65 5.81 15.52 3.77
CA ASP B 65 7.21 15.25 4.10
C ASP B 65 8.09 15.19 2.87
N TYR B 66 7.65 14.61 1.77
CA TYR B 66 8.52 14.59 0.59
C TYR B 66 8.76 15.99 0.04
N THR B 67 7.71 16.83 0.03
CA THR B 67 7.89 18.17 -0.49
CA THR B 67 7.82 18.22 -0.43
C THR B 67 8.80 18.99 0.44
N GLN B 68 8.66 18.80 1.75
CA GLN B 68 9.51 19.54 2.70
C GLN B 68 10.94 19.03 2.69
N MET B 69 11.13 17.73 2.53
CA MET B 69 12.47 17.17 2.38
CA MET B 69 12.48 17.19 2.39
C MET B 69 13.16 17.77 1.14
N ASN B 70 12.46 17.80 0.02
CA ASN B 70 13.01 18.44 -1.19
C ASN B 70 13.37 19.90 -0.93
N GLU B 71 12.52 20.61 -0.20
CA GLU B 71 12.75 22.04 0.01
C GLU B 71 14.02 22.24 0.85
N LEU B 72 14.14 21.46 1.91
CA LEU B 72 15.34 21.56 2.74
C LEU B 72 16.58 21.17 1.97
N GLN B 73 16.50 20.12 1.17
CA GLN B 73 17.70 19.68 0.44
C GLN B 73 18.14 20.75 -0.56
N ARG B 74 17.16 21.37 -1.21
CA ARG B 74 17.44 22.41 -2.21
C ARG B 74 18.04 23.65 -1.57
N ARG B 75 17.46 24.09 -0.45
CA ARG B 75 17.87 25.35 0.17
C ARG B 75 19.16 25.20 0.95
N LEU B 76 19.31 24.09 1.68
CA LEU B 76 20.43 23.91 2.63
C LEU B 76 21.50 22.92 2.19
N GLY B 77 21.26 22.17 1.13
CA GLY B 77 22.29 21.30 0.56
C GLY B 77 23.58 22.06 0.30
N PRO B 78 23.51 23.22 -0.36
CA PRO B 78 24.78 23.91 -0.62
C PRO B 78 25.55 24.32 0.62
N ARG B 79 24.88 24.37 1.77
CA ARG B 79 25.51 24.70 3.04
C ARG B 79 25.91 23.53 3.90
N GLY B 80 25.61 22.32 3.47
CA GLY B 80 26.08 21.10 4.14
C GLY B 80 25.03 20.10 4.60
N LEU B 81 23.75 20.32 4.26
CA LEU B 81 22.73 19.36 4.62
C LEU B 81 22.66 18.26 3.58
N VAL B 82 22.59 17.02 4.05
CA VAL B 82 22.19 15.89 3.21
C VAL B 82 20.96 15.20 3.81
N VAL B 83 19.89 15.11 3.02
CA VAL B 83 18.68 14.39 3.39
C VAL B 83 18.76 12.96 2.84
N LEU B 84 18.40 11.98 3.67
CA LEU B 84 18.47 10.55 3.31
C LEU B 84 17.11 9.95 3.64
N GLY B 85 16.53 9.27 2.68
CA GLY B 85 15.25 8.60 2.88
C GLY B 85 15.35 7.10 2.73
N PHE B 86 14.70 6.39 3.67
CA PHE B 86 14.72 4.93 3.74
C PHE B 86 13.30 4.41 3.64
N PRO B 87 12.89 3.95 2.46
CA PRO B 87 11.57 3.36 2.32
C PRO B 87 11.37 2.18 3.28
N CYS B 88 10.17 2.10 3.87
CA CYS B 88 9.88 1.08 4.84
C CYS B 88 8.39 0.74 4.80
N ASN B 89 8.07 -0.56 4.76
CA ASN B 89 6.71 -1.06 4.64
C ASN B 89 6.12 -1.57 5.94
N GLN B 90 6.67 -1.17 7.07
CA GLN B 90 6.22 -1.68 8.39
C GLN B 90 5.04 -0.96 9.01
N PHE B 91 4.54 0.12 8.38
CA PHE B 91 3.56 1.01 9.00
C PHE B 91 2.32 1.12 8.11
N GLY B 92 1.37 0.24 8.38
CA GLY B 92 0.16 0.16 7.56
C GLY B 92 0.43 -0.29 6.14
N HIS B 93 1.53 -1.02 5.97
CA HIS B 93 2.00 -1.41 4.62
C HIS B 93 1.88 -0.27 3.62
N GLN B 94 2.44 0.89 3.98
CA GLN B 94 2.32 2.08 3.12
C GLN B 94 3.50 2.24 2.16
N GLU B 95 4.34 1.21 2.06
CA GLU B 95 5.38 1.10 1.04
C GLU B 95 5.35 -0.29 0.40
N ASN B 96 4.19 -0.64 -0.16
CA ASN B 96 4.04 -1.96 -0.78
C ASN B 96 4.72 -2.09 -2.14
N ALA B 97 4.96 -0.96 -2.82
CA ALA B 97 5.57 -0.99 -4.14
C ALA B 97 6.99 -1.53 -4.04
N LYS B 98 7.44 -2.20 -5.08
CA LYS B 98 8.82 -2.66 -5.16
C LYS B 98 9.78 -1.48 -5.31
N ASN B 99 11.06 -1.72 -5.01
CA ASN B 99 12.09 -0.70 -5.16
C ASN B 99 12.00 -0.05 -6.53
N GLU B 100 11.83 -0.88 -7.56
CA GLU B 100 11.77 -0.48 -8.97
CA GLU B 100 11.87 -0.31 -8.90
C GLU B 100 10.52 0.33 -9.36
N GLU B 101 9.53 0.35 -8.47
CA GLU B 101 8.22 1.02 -8.65
C GLU B 101 8.08 2.34 -7.90
N ILE B 102 8.90 2.57 -6.87
CA ILE B 102 8.69 3.68 -5.96
C ILE B 102 8.79 5.06 -6.66
N LEU B 103 9.82 5.28 -7.47
CA LEU B 103 9.93 6.60 -8.11
C LEU B 103 8.72 6.88 -9.01
N ASN B 104 8.21 5.85 -9.68
CA ASN B 104 7.03 6.05 -10.52
C ASN B 104 5.80 6.39 -9.69
N SER B 105 5.66 5.74 -8.53
CA SER B 105 4.55 6.08 -7.64
C SER B 105 4.64 7.52 -7.19
N LEU B 106 5.84 7.96 -6.84
CA LEU B 106 6.00 9.36 -6.39
C LEU B 106 5.73 10.34 -7.52
N LYS B 107 6.14 10.02 -8.74
CA LYS B 107 6.01 10.92 -9.90
C LYS B 107 4.61 11.00 -10.43
N TYR B 108 3.91 9.88 -10.42
CA TYR B 108 2.62 9.78 -11.13
C TYR B 108 1.42 9.53 -10.27
N VAL B 109 1.62 9.16 -9.01
CA VAL B 109 0.48 8.87 -8.12
C VAL B 109 0.41 9.86 -6.96
N ARG B 110 1.39 9.80 -6.07
CA ARG B 110 1.41 10.63 -4.85
C ARG B 110 2.86 10.91 -4.50
N PRO B 111 3.29 12.21 -4.47
CA PRO B 111 2.54 13.43 -4.76
C PRO B 111 2.00 13.51 -6.18
N GLY B 112 2.59 12.75 -7.12
CA GLY B 112 2.18 12.85 -8.51
C GLY B 112 2.57 14.19 -9.11
N GLY B 113 2.00 14.47 -10.27
CA GLY B 113 2.24 15.74 -10.90
C GLY B 113 3.68 15.98 -11.33
N GLY B 114 4.44 14.90 -11.53
CA GLY B 114 5.82 14.97 -11.97
C GLY B 114 6.88 15.02 -10.88
N PHE B 115 6.45 14.84 -9.62
CA PHE B 115 7.34 14.96 -8.47
C PHE B 115 8.52 14.00 -8.54
N GLU B 116 9.73 14.50 -8.28
CA GLU B 116 10.91 13.67 -8.16
C GLU B 116 11.66 14.08 -6.88
N PRO B 117 12.07 13.11 -6.07
CA PRO B 117 12.92 13.46 -4.93
C PRO B 117 14.26 14.03 -5.42
N ASN B 118 14.77 15.04 -4.72
CA ASN B 118 16.07 15.61 -5.07
C ASN B 118 17.16 15.18 -4.08
N PHE B 119 16.84 14.18 -3.28
CA PHE B 119 17.75 13.62 -2.30
C PHE B 119 17.84 12.11 -2.47
N MET B 120 18.77 11.52 -1.74
CA MET B 120 19.06 10.09 -1.87
C MET B 120 18.00 9.23 -1.19
N LEU B 121 17.44 8.30 -1.96
CA LEU B 121 16.61 7.21 -1.44
C LEU B 121 17.38 5.91 -1.52
N PHE B 122 17.18 5.09 -0.51
CA PHE B 122 17.77 3.77 -0.44
C PHE B 122 16.75 2.67 -0.69
N GLU B 123 17.24 1.46 -0.86
CA GLU B 123 16.39 0.29 -1.00
C GLU B 123 15.50 0.15 0.23
N LYS B 124 14.32 -0.43 0.03
CA LYS B 124 13.41 -0.71 1.14
CA LYS B 124 13.41 -0.69 1.12
C LYS B 124 14.08 -1.52 2.21
N CYS B 125 13.79 -1.19 3.46
CA CYS B 125 14.32 -1.93 4.59
C CYS B 125 13.33 -1.91 5.75
N GLU B 126 13.64 -2.66 6.80
CA GLU B 126 12.91 -2.58 8.04
C GLU B 126 13.67 -1.69 9.03
N VAL B 127 12.90 -0.95 9.84
CA VAL B 127 13.47 -0.10 10.88
C VAL B 127 13.26 -0.64 12.31
N ASN B 128 12.25 -1.51 12.49
CA ASN B 128 11.92 -2.11 13.77
C ASN B 128 12.07 -3.64 13.69
N GLY B 129 12.25 -4.28 14.83
CA GLY B 129 12.28 -5.73 14.90
C GLY B 129 13.63 -6.31 14.54
N ALA B 130 13.71 -7.63 14.63
CA ALA B 130 14.98 -8.36 14.49
C ALA B 130 15.60 -8.18 13.10
N GLY B 131 14.79 -7.86 12.10
CA GLY B 131 15.27 -7.64 10.72
C GLY B 131 15.63 -6.22 10.42
N ALA B 132 15.61 -5.34 11.41
CA ALA B 132 15.88 -3.91 11.20
C ALA B 132 17.26 -3.71 10.58
N HIS B 133 17.35 -2.77 9.66
CA HIS B 133 18.65 -2.30 9.19
C HIS B 133 19.46 -1.83 10.39
N PRO B 134 20.74 -2.21 10.46
CA PRO B 134 21.53 -1.81 11.63
C PRO B 134 21.63 -0.32 11.92
N LEU B 135 21.52 0.50 10.88
CA LEU B 135 21.50 1.94 11.09
C LEU B 135 20.33 2.34 11.97
N PHE B 136 19.17 1.74 11.74
CA PHE B 136 17.99 2.10 12.51
C PHE B 136 18.00 1.52 13.92
N ALA B 137 18.54 0.30 14.05
CA ALA B 137 18.74 -0.26 15.40
C ALA B 137 19.63 0.70 16.20
N PHE B 138 20.67 1.22 15.55
CA PHE B 138 21.60 2.16 16.21
C PHE B 138 20.91 3.49 16.57
N LEU B 139 20.21 4.06 15.60
CA LEU B 139 19.52 5.34 15.81
C LEU B 139 18.49 5.26 16.95
N ARG B 140 17.74 4.18 16.96
CA ARG B 140 16.71 3.97 17.96
C ARG B 140 17.30 3.88 19.37
N GLU B 141 18.42 3.20 19.49
CA GLU B 141 19.07 3.06 20.79
C GLU B 141 19.75 4.37 21.20
N ALA B 142 20.26 5.14 20.24
CA ALA B 142 20.95 6.38 20.56
C ALA B 142 19.97 7.46 21.00
N LEU B 143 18.79 7.45 20.39
CA LEU B 143 17.74 8.45 20.65
C LEU B 143 16.43 7.72 20.89
N PRO B 144 16.24 7.21 22.11
CA PRO B 144 15.18 6.24 22.36
C PRO B 144 13.76 6.74 22.29
N ALA B 145 13.52 8.04 22.26
CA ALA B 145 12.17 8.53 22.08
C ALA B 145 12.22 9.87 21.39
N PRO B 146 11.22 10.15 20.53
CA PRO B 146 11.20 11.49 19.91
C PRO B 146 11.22 12.63 20.93
N SER B 147 11.90 13.70 20.57
CA SER B 147 12.02 14.88 21.43
C SER B 147 10.70 15.57 21.70
N ASP B 148 9.78 15.49 20.74
CA ASP B 148 8.50 16.16 20.82
C ASP B 148 7.35 15.27 21.33
N ASP B 149 7.56 13.97 21.42
CA ASP B 149 6.51 13.04 21.85
C ASP B 149 7.21 11.80 22.40
N ALA B 150 7.45 11.80 23.69
CA ALA B 150 8.17 10.72 24.35
C ALA B 150 7.33 9.49 24.58
N THR B 151 6.02 9.58 24.36
CA THR B 151 5.12 8.55 24.83
CA THR B 151 5.06 8.60 24.86
C THR B 151 4.38 7.74 23.79
N ALA B 152 3.89 8.37 22.72
CA ALA B 152 3.04 7.63 21.78
C ALA B 152 3.82 6.65 20.94
N LEU B 153 3.30 5.43 20.83
CA LEU B 153 3.90 4.42 19.97
C LEU B 153 2.92 3.98 18.86
N MET B 154 1.68 3.63 19.20
CA MET B 154 0.69 3.23 18.19
C MET B 154 -0.68 3.31 18.78
N THR B 155 -1.65 3.89 18.06
CA THR B 155 -3.00 3.91 18.59
C THR B 155 -3.69 2.55 18.46
N ASP B 156 -3.58 1.94 17.27
CA ASP B 156 -4.24 0.66 17.00
C ASP B 156 -3.19 -0.44 17.16
N PRO B 157 -3.31 -1.28 18.20
CA PRO B 157 -2.26 -2.29 18.43
C PRO B 157 -2.13 -3.30 17.29
N LYS B 158 -3.18 -3.45 16.47
CA LYS B 158 -3.10 -4.35 15.33
C LYS B 158 -2.07 -3.93 14.29
N LEU B 159 -1.65 -2.68 14.36
CA LEU B 159 -0.63 -2.18 13.43
C LEU B 159 0.80 -2.46 13.90
N ILE B 160 0.96 -2.98 15.12
CA ILE B 160 2.29 -3.42 15.57
C ILE B 160 2.44 -4.88 15.19
N THR B 161 3.19 -5.12 14.12
CA THR B 161 3.27 -6.45 13.56
C THR B 161 4.69 -7.00 13.40
N TRP B 162 5.69 -6.23 13.84
CA TRP B 162 7.07 -6.65 13.81
C TRP B 162 7.44 -7.29 15.14
N SER B 163 8.62 -7.90 15.19
CA SER B 163 9.06 -8.64 16.37
CA SER B 163 9.05 -8.62 16.37
C SER B 163 10.58 -8.64 16.46
N PRO B 164 11.12 -8.43 17.68
CA PRO B 164 10.43 -8.05 18.90
C PRO B 164 10.04 -6.59 18.85
N VAL B 165 9.18 -6.20 19.78
CA VAL B 165 8.74 -4.82 19.94
C VAL B 165 9.52 -4.20 21.09
N CYS B 166 10.02 -2.99 20.86
CA CYS B 166 10.86 -2.28 21.82
C CYS B 166 10.29 -0.89 22.09
N ARG B 167 10.64 -0.35 23.25
CA ARG B 167 10.12 0.96 23.64
C ARG B 167 10.60 2.06 22.74
N ASN B 168 11.73 1.83 22.07
CA ASN B 168 12.37 2.82 21.18
C ASN B 168 11.97 2.71 19.72
N ASP B 169 10.99 1.86 19.42
CA ASP B 169 10.63 1.59 18.03
C ASP B 169 10.11 2.83 17.29
N VAL B 170 10.35 2.86 15.99
CA VAL B 170 9.76 3.88 15.13
C VAL B 170 8.25 3.64 15.16
N ALA B 171 7.45 4.70 15.32
CA ALA B 171 6.01 4.57 15.54
C ALA B 171 5.20 4.59 14.26
N TRP B 172 5.73 5.20 13.21
CA TRP B 172 4.97 5.35 11.98
C TRP B 172 5.91 5.82 10.87
N ASN B 173 5.37 6.01 9.68
CA ASN B 173 6.14 6.59 8.59
C ASN B 173 6.59 7.98 8.97
N PHE B 174 7.76 8.36 8.47
CA PHE B 174 8.30 9.69 8.61
C PHE B 174 8.59 10.11 10.04
N GLU B 175 9.25 9.25 10.81
CA GLU B 175 10.05 9.79 11.91
C GLU B 175 11.34 10.38 11.31
N LYS B 176 12.00 11.23 12.10
CA LYS B 176 13.16 11.97 11.63
C LYS B 176 14.28 11.90 12.65
N PHE B 177 15.50 11.71 12.14
CA PHE B 177 16.69 11.68 12.97
C PHE B 177 17.69 12.67 12.40
N LEU B 178 18.09 13.62 13.24
CA LEU B 178 19.01 14.68 12.87
C LEU B 178 20.37 14.25 13.42
N VAL B 179 21.37 14.22 12.56
CA VAL B 179 22.72 13.76 12.88
C VAL B 179 23.67 14.92 12.63
N GLY B 180 24.55 15.19 13.60
CA GLY B 180 25.51 16.26 13.48
C GLY B 180 26.63 15.96 12.49
N PRO B 181 27.46 16.98 12.17
CA PRO B 181 28.57 16.86 11.23
C PRO B 181 29.69 15.91 11.68
N ASP B 182 29.66 15.49 12.95
CA ASP B 182 30.56 14.46 13.48
C ASP B 182 29.97 13.05 13.43
N GLY B 183 28.76 12.93 12.88
CA GLY B 183 28.12 11.63 12.73
C GLY B 183 27.34 11.13 13.93
N VAL B 184 27.29 11.94 14.98
CA VAL B 184 26.61 11.57 16.22
C VAL B 184 25.13 11.98 16.14
N PRO B 185 24.20 11.03 16.35
CA PRO B 185 22.78 11.38 16.36
C PRO B 185 22.49 12.39 17.45
N LEU B 186 21.82 13.48 17.06
CA LEU B 186 21.56 14.58 17.97
CA LEU B 186 21.56 14.62 17.95
C LEU B 186 20.12 14.69 18.45
N ARG B 187 19.16 14.46 17.57
CA ARG B 187 17.76 14.64 17.95
C ARG B 187 16.82 13.82 17.06
N ARG B 188 15.76 13.31 17.68
CA ARG B 188 14.73 12.52 17.00
C ARG B 188 13.44 13.28 17.08
N TYR B 189 12.64 13.16 16.02
CA TYR B 189 11.37 13.87 15.89
C TYR B 189 10.30 12.90 15.44
N SER B 190 9.10 13.07 15.99
CA SER B 190 8.03 12.12 15.79
C SER B 190 7.36 12.29 14.43
N ARG B 191 6.48 11.33 14.13
CA ARG B 191 5.65 11.39 12.94
C ARG B 191 4.86 12.67 12.78
N ARG B 192 4.58 13.34 13.88
CA ARG B 192 3.74 14.54 13.84
CA ARG B 192 3.75 14.55 13.93
C ARG B 192 4.54 15.85 13.80
N PHE B 193 5.87 15.76 13.92
CA PHE B 193 6.70 16.95 13.92
C PHE B 193 7.09 17.19 12.48
N GLN B 194 6.66 18.30 11.90
CA GLN B 194 6.86 18.46 10.48
C GLN B 194 8.34 18.55 10.13
N THR B 195 8.72 17.92 9.02
CA THR B 195 10.09 18.00 8.49
C THR B 195 10.60 19.43 8.43
N ILE B 196 9.78 20.34 7.91
CA ILE B 196 10.23 21.73 7.72
C ILE B 196 10.51 22.42 9.04
N ASP B 197 9.86 21.97 10.11
CA ASP B 197 10.08 22.53 11.44
C ASP B 197 11.41 22.12 12.09
N ILE B 198 12.14 21.22 11.43
CA ILE B 198 13.47 20.84 11.86
C ILE B 198 14.49 21.87 11.37
N GLU B 199 14.09 22.74 10.45
CA GLU B 199 15.04 23.67 9.85
C GLU B 199 15.83 24.52 10.86
N PRO B 200 15.15 25.11 11.88
CA PRO B 200 15.96 25.91 12.83
C PRO B 200 17.07 25.10 13.50
N ASP B 201 16.78 23.85 13.83
CA ASP B 201 17.83 23.01 14.45
C ASP B 201 18.96 22.67 13.47
N ILE B 202 18.61 22.48 12.20
CA ILE B 202 19.61 22.26 11.16
C ILE B 202 20.47 23.51 10.98
N GLU B 203 19.82 24.67 10.86
CA GLU B 203 20.55 25.91 10.63
CA GLU B 203 20.48 25.97 10.70
C GLU B 203 21.52 26.19 11.78
N ALA B 204 21.13 25.88 13.01
CA ALA B 204 22.06 26.02 14.16
C ALA B 204 23.34 25.20 13.97
N LEU B 205 23.21 23.98 13.46
CA LEU B 205 24.35 23.09 13.23
C LEU B 205 25.19 23.50 12.03
N LEU B 206 24.56 24.07 11.02
CA LEU B 206 25.29 24.52 9.85
C LEU B 206 26.19 25.71 10.19
N SER B 207 25.74 26.56 11.11
CA SER B 207 26.43 27.78 11.48
C SER B 207 26.91 27.74 12.93
C1 MLA C . -1.77 -14.82 4.17
O1A MLA C . -2.66 -15.68 3.86
O1B MLA C . -1.08 -14.79 5.27
C2 MLA C . -1.53 -13.71 3.12
C3 MLA C . -0.40 -14.05 2.13
O3A MLA C . 0.51 -13.18 1.96
O3B MLA C . -0.45 -15.17 1.58
C1 MLA D . -1.76 4.34 14.66
O1A MLA D . -0.95 4.93 15.46
O1B MLA D . -2.74 3.59 15.01
C2 MLA D . -1.55 4.62 13.14
C3 MLA D . -2.40 5.80 12.64
O3A MLA D . -2.31 6.88 13.27
O3B MLA D . -3.15 5.58 11.65
#